data_7G9T
#
_entry.id   7G9T
#
_cell.length_a   54.065
_cell.length_b   69.655
_cell.length_c   57.550
_cell.angle_alpha   90.000
_cell.angle_beta   92.590
_cell.angle_gamma   90.000
#
_symmetry.space_group_name_H-M   'P 1 21 1'
#
loop_
_entity.id
_entity.type
_entity.pdbx_description
1 polymer 'Serine protease NS3'
2 non-polymer 1,2-ETHANEDIOL
3 non-polymer 'PHOSPHATE ION'
4 non-polymer 'methyl N-(cyclohexanecarbonyl)glycinate'
5 water water
#
_entity_poly.entity_id   1
_entity_poly.type   'polypeptide(L)'
_entity_poly.pdbx_seq_one_letter_code
;MLKKKQLTVLDLHPGAGKTRRVLPEIVREAIKKRLRTVILAPTRVVAAEMEEALRGLPVRYMTTAVNVTHSGTEIVDLMC
HATFTSRLLQPIRVPNYNLNIMDEAHFTDPSSIAARGYISTRVEMGEAAAIFMTATPPGTRDAFPDSNSPIMDTEVEVPE
RAWSSGFDWVTDHSGKTVWFVPSVRNGNEIAACLTKAGKRVIQLSRKTFETEFQKTKNQEWDFVITTDISEMGANFKADR
VIDSRRCLKPVILDGERVILAGPMPVTHASAAQRRGRIGRNPNKPGDEYMYGGGCAETDEGHAHWLEARMLLDNIYLQDG
LIASLYRPEADKVAAIEGEFKLRTEQRKTFVELMKRGDLPVWLAYQVASAGITYTDRRWCFDGTTNNTIMEDSVPAEVWT
KYGEKRVLKPRWMDARVCSDHAALKSFKEFAAGKR
;
_entity_poly.pdbx_strand_id   A
#
loop_
_chem_comp.id
_chem_comp.type
_chem_comp.name
_chem_comp.formula
EDO non-polymer 1,2-ETHANEDIOL 'C2 H6 O2'
PO4 non-polymer 'PHOSPHATE ION' 'O4 P -3'
ZUZ non-polymer 'methyl N-(cyclohexanecarbonyl)glycinate' 'C10 H17 N O3'
#
# COMPACT_ATOMS: atom_id res chain seq x y z
N MET A 1 27.06 -6.70 -2.04
CA MET A 1 25.67 -6.94 -1.71
C MET A 1 25.15 -8.23 -2.37
N LEU A 2 25.54 -8.46 -3.64
CA LEU A 2 25.07 -9.53 -4.52
C LEU A 2 25.47 -10.95 -4.11
N LYS A 3 26.40 -11.07 -3.12
CA LYS A 3 26.84 -12.36 -2.58
C LYS A 3 25.66 -13.05 -1.91
N LYS A 4 25.46 -14.34 -2.20
CA LYS A 4 24.35 -15.12 -1.60
C LYS A 4 24.34 -15.05 -0.06
N LYS A 5 23.23 -15.47 0.56
CA LYS A 5 23.02 -15.47 2.01
C LYS A 5 23.04 -14.08 2.62
N GLN A 6 22.94 -12.99 1.81
CA GLN A 6 22.97 -11.65 2.38
C GLN A 6 21.78 -10.76 2.05
N LEU A 7 21.23 -10.10 3.09
CA LEU A 7 20.16 -9.14 2.97
C LEU A 7 20.77 -7.78 3.31
N THR A 8 20.73 -6.85 2.36
CA THR A 8 21.27 -5.52 2.56
C THR A 8 20.13 -4.51 2.63
N VAL A 9 20.17 -3.58 3.59
CA VAL A 9 19.16 -2.53 3.66
C VAL A 9 19.79 -1.24 3.12
N LEU A 10 19.40 -0.82 1.92
CA LEU A 10 19.91 0.39 1.30
C LEU A 10 19.06 1.50 1.90
N ASP A 11 19.61 2.20 2.91
CA ASP A 11 18.86 3.18 3.67
C ASP A 11 19.28 4.64 3.45
N LEU A 12 19.55 5.03 2.21
CA LEU A 12 19.90 6.43 1.91
C LEU A 12 18.67 7.33 2.13
N HIS A 13 18.88 8.59 2.57
CA HIS A 13 17.79 9.56 2.83
C HIS A 13 16.86 9.76 1.61
N PRO A 14 15.62 10.24 1.79
CA PRO A 14 14.73 10.43 0.62
C PRO A 14 15.31 11.33 -0.47
N GLY A 15 15.25 10.86 -1.71
CA GLY A 15 15.76 11.60 -2.86
C GLY A 15 17.25 11.47 -3.06
N ALA A 16 17.91 10.53 -2.35
CA ALA A 16 19.36 10.35 -2.49
C ALA A 16 19.79 9.62 -3.76
N GLY A 17 18.84 9.11 -4.54
CA GLY A 17 19.11 8.46 -5.82
C GLY A 17 19.16 6.94 -5.82
N LYS A 18 18.41 6.31 -4.90
CA LYS A 18 18.38 4.86 -4.82
C LYS A 18 17.75 4.23 -6.06
N THR A 19 16.79 4.91 -6.69
CA THR A 19 16.11 4.37 -7.86
C THR A 19 16.76 4.73 -9.21
N ARG A 20 17.04 6.03 -9.46
CA ARG A 20 17.60 6.44 -10.74
C ARG A 20 19.12 6.22 -10.87
N ARG A 21 19.85 6.10 -9.75
CA ARG A 21 21.30 5.93 -9.79
C ARG A 21 21.80 4.57 -9.24
N VAL A 22 21.34 4.14 -8.05
CA VAL A 22 21.83 2.90 -7.46
C VAL A 22 21.24 1.63 -8.12
N LEU A 23 19.91 1.56 -8.30
CA LEU A 23 19.28 0.41 -8.92
C LEU A 23 19.89 0.02 -10.33
N PRO A 24 20.16 0.93 -11.30
CA PRO A 24 20.75 0.49 -12.57
C PRO A 24 22.16 -0.10 -12.42
N GLU A 25 22.97 0.42 -11.48
CA GLU A 25 24.29 -0.13 -11.22
C GLU A 25 24.16 -1.58 -10.69
N ILE A 26 23.23 -1.81 -9.74
CA ILE A 26 22.95 -3.14 -9.20
C ILE A 26 22.49 -4.08 -10.30
N VAL A 27 21.63 -3.60 -11.21
CA VAL A 27 21.11 -4.40 -12.33
C VAL A 27 22.23 -4.83 -13.30
N ARG A 28 23.14 -3.91 -13.63
CA ARG A 28 24.27 -4.20 -14.51
C ARG A 28 25.18 -5.27 -13.90
N GLU A 29 25.42 -5.18 -12.58
CA GLU A 29 26.25 -6.16 -11.89
C GLU A 29 25.55 -7.53 -11.78
N ALA A 30 24.24 -7.54 -11.59
CA ALA A 30 23.47 -8.78 -11.50
C ALA A 30 23.47 -9.50 -12.87
N ILE A 31 23.35 -8.73 -13.95
CA ILE A 31 23.38 -9.26 -15.32
C ILE A 31 24.80 -9.81 -15.62
N LYS A 32 25.86 -9.07 -15.24
CA LYS A 32 27.25 -9.48 -15.41
C LYS A 32 27.52 -10.79 -14.65
N LYS A 33 26.94 -10.95 -13.45
CA LYS A 33 27.14 -12.17 -12.65
C LYS A 33 26.16 -13.30 -12.95
N ARG A 34 25.26 -13.12 -13.94
CA ARG A 34 24.25 -14.09 -14.36
C ARG A 34 23.32 -14.48 -13.22
N LEU A 35 22.92 -13.51 -12.42
CA LEU A 35 21.99 -13.76 -11.31
C LEU A 35 20.58 -13.58 -11.81
N ARG A 36 19.74 -14.60 -11.64
CA ARG A 36 18.32 -14.49 -11.98
C ARG A 36 17.71 -13.48 -10.95
N THR A 37 17.26 -12.31 -11.45
CA THR A 37 16.89 -11.21 -10.55
C THR A 37 15.43 -10.74 -10.66
N VAL A 38 14.83 -10.39 -9.52
CA VAL A 38 13.49 -9.80 -9.50
C VAL A 38 13.57 -8.39 -8.90
N ILE A 39 12.90 -7.46 -9.57
CA ILE A 39 12.78 -6.06 -9.12
C ILE A 39 11.31 -5.85 -8.77
N LEU A 40 11.06 -5.48 -7.51
CA LEU A 40 9.71 -5.27 -7.01
C LEU A 40 9.34 -3.79 -6.78
N ALA A 41 8.40 -3.29 -7.58
CA ALA A 41 7.91 -1.91 -7.49
C ALA A 41 6.63 -1.83 -6.62
N PRO A 42 6.46 -0.82 -5.76
CA PRO A 42 5.23 -0.74 -4.95
C PRO A 42 3.94 -0.57 -5.77
N THR A 43 4.01 0.21 -6.88
CA THR A 43 2.87 0.55 -7.72
C THR A 43 3.24 0.52 -9.24
N ARG A 44 2.22 0.64 -10.11
CA ARG A 44 2.43 0.67 -11.54
CA ARG A 44 2.43 0.68 -11.55
C ARG A 44 3.12 1.97 -11.97
N VAL A 45 2.88 3.09 -11.24
CA VAL A 45 3.48 4.40 -11.50
C VAL A 45 4.99 4.32 -11.27
N VAL A 46 5.42 3.61 -10.21
CA VAL A 46 6.84 3.41 -9.92
C VAL A 46 7.47 2.46 -10.98
N ALA A 47 6.71 1.46 -11.46
CA ALA A 47 7.20 0.54 -12.50
C ALA A 47 7.49 1.28 -13.81
N ALA A 48 6.67 2.31 -14.16
CA ALA A 48 6.87 3.13 -15.34
C ALA A 48 8.10 4.01 -15.18
N GLU A 49 8.35 4.53 -13.97
CA GLU A 49 9.55 5.34 -13.68
C GLU A 49 10.82 4.48 -13.68
N MET A 50 10.68 3.22 -13.28
CA MET A 50 11.79 2.29 -13.28
C MET A 50 12.22 1.92 -14.68
N GLU A 51 11.29 1.87 -15.64
CA GLU A 51 11.64 1.61 -17.03
C GLU A 51 12.49 2.75 -17.58
N GLU A 52 12.18 4.00 -17.21
CA GLU A 52 12.94 5.15 -17.65
C GLU A 52 14.40 5.08 -17.15
N ALA A 53 14.60 4.72 -15.88
CA ALA A 53 15.94 4.62 -15.30
C ALA A 53 16.70 3.37 -15.73
N LEU A 54 15.98 2.30 -16.08
CA LEU A 54 16.62 1.07 -16.53
C LEU A 54 16.65 0.93 -18.07
N ARG A 55 16.25 1.98 -18.81
CA ARG A 55 16.19 1.97 -20.27
C ARG A 55 17.53 1.57 -20.91
N GLY A 56 17.44 0.65 -21.86
CA GLY A 56 18.62 0.12 -22.52
C GLY A 56 18.99 -1.25 -21.99
N LEU A 57 18.78 -1.46 -20.68
CA LEU A 57 19.06 -2.72 -19.97
C LEU A 57 18.05 -3.81 -20.31
N PRO A 58 18.50 -5.07 -20.40
CA PRO A 58 17.56 -6.17 -20.68
C PRO A 58 16.71 -6.59 -19.47
N VAL A 59 15.51 -5.99 -19.33
CA VAL A 59 14.60 -6.28 -18.23
C VAL A 59 13.23 -6.67 -18.78
N ARG A 60 12.64 -7.75 -18.24
CA ARG A 60 11.32 -8.22 -18.61
C ARG A 60 10.30 -7.59 -17.64
N TYR A 61 9.47 -6.71 -18.19
CA TYR A 61 8.46 -5.96 -17.46
C TYR A 61 7.16 -6.71 -17.41
N MET A 62 6.92 -7.36 -16.29
CA MET A 62 5.73 -8.14 -16.04
C MET A 62 4.65 -7.25 -15.46
N THR A 63 4.22 -6.28 -16.28
CA THR A 63 3.18 -5.29 -15.96
C THR A 63 2.67 -4.68 -17.25
N THR A 64 1.36 -4.44 -17.33
CA THR A 64 0.78 -3.76 -18.50
C THR A 64 0.94 -2.22 -18.40
N ALA A 65 1.58 -1.69 -17.35
CA ALA A 65 1.86 -0.26 -17.24
C ALA A 65 3.01 0.16 -18.17
N VAL A 66 3.80 -0.81 -18.66
CA VAL A 66 4.93 -0.57 -19.55
C VAL A 66 4.64 -1.25 -20.90
N ASN A 67 4.83 -0.51 -22.01
CA ASN A 67 4.62 -1.09 -23.34
C ASN A 67 5.99 -1.35 -23.94
N VAL A 68 6.53 -2.56 -23.75
CA VAL A 68 7.85 -2.90 -24.30
C VAL A 68 7.82 -4.24 -25.02
N THR A 69 8.51 -4.33 -26.17
CA THR A 69 8.62 -5.61 -26.87
C THR A 69 9.80 -6.37 -26.24
N HIS A 70 9.51 -7.45 -25.51
CA HIS A 70 10.57 -8.24 -24.88
C HIS A 70 11.36 -9.12 -25.87
N SER A 71 12.66 -9.29 -25.63
CA SER A 71 13.52 -10.10 -26.50
C SER A 71 13.46 -11.60 -26.18
N GLY A 72 13.09 -11.96 -24.96
CA GLY A 72 13.00 -13.36 -24.55
C GLY A 72 14.22 -13.88 -23.82
N THR A 73 15.33 -13.12 -23.83
CA THR A 73 16.58 -13.51 -23.19
C THR A 73 16.91 -12.69 -21.91
N GLU A 74 15.91 -12.02 -21.33
CA GLU A 74 16.15 -11.24 -20.11
C GLU A 74 16.25 -12.19 -18.91
N ILE A 75 17.23 -11.97 -18.03
CA ILE A 75 17.32 -12.72 -16.77
C ILE A 75 16.81 -11.83 -15.55
N VAL A 76 16.35 -10.60 -15.82
CA VAL A 76 15.81 -9.71 -14.81
C VAL A 76 14.32 -9.48 -15.03
N ASP A 77 13.50 -9.72 -14.00
CA ASP A 77 12.06 -9.55 -14.07
C ASP A 77 11.64 -8.38 -13.18
N LEU A 78 10.77 -7.51 -13.67
CA LEU A 78 10.26 -6.39 -12.90
C LEU A 78 8.75 -6.53 -12.76
N MET A 79 8.27 -6.51 -11.51
CA MET A 79 6.84 -6.60 -11.23
C MET A 79 6.46 -5.84 -9.94
N CYS A 80 5.17 -5.61 -9.72
CA CYS A 80 4.72 -4.97 -8.48
C CYS A 80 4.81 -5.93 -7.29
N HIS A 81 4.93 -5.38 -6.06
CA HIS A 81 4.98 -6.19 -4.82
C HIS A 81 3.80 -7.20 -4.76
N ALA A 82 2.53 -6.73 -4.98
CA ALA A 82 1.31 -7.53 -4.97
C ALA A 82 1.30 -8.63 -6.05
N THR A 83 1.90 -8.39 -7.23
CA THR A 83 2.00 -9.38 -8.29
C THR A 83 2.89 -10.52 -7.82
N PHE A 84 4.02 -10.21 -7.17
CA PHE A 84 4.95 -11.21 -6.67
C PHE A 84 4.25 -12.18 -5.69
N THR A 85 3.57 -11.63 -4.67
CA THR A 85 2.83 -12.38 -3.65
C THR A 85 1.69 -13.15 -4.26
N SER A 86 0.98 -12.54 -5.21
CA SER A 86 -0.13 -13.21 -5.88
C SER A 86 0.33 -14.44 -6.68
N ARG A 87 1.47 -14.33 -7.38
CA ARG A 87 2.01 -15.44 -8.15
C ARG A 87 2.53 -16.56 -7.25
N LEU A 88 3.05 -16.22 -6.06
CA LEU A 88 3.49 -17.22 -5.09
C LEU A 88 2.28 -18.02 -4.57
N LEU A 89 1.16 -17.33 -4.34
CA LEU A 89 -0.06 -17.94 -3.84
C LEU A 89 -0.69 -18.90 -4.86
N GLN A 90 -0.75 -18.49 -6.13
CA GLN A 90 -1.29 -19.28 -7.26
C GLN A 90 -0.43 -20.53 -7.62
N PRO A 91 -1.04 -21.55 -8.31
CA PRO A 91 -0.27 -22.77 -8.68
C PRO A 91 0.92 -22.55 -9.62
N ILE A 92 0.92 -21.42 -10.34
CA ILE A 92 2.01 -20.97 -11.20
C ILE A 92 3.39 -21.09 -10.51
N ARG A 93 4.40 -21.53 -11.26
CA ARG A 93 5.76 -21.72 -10.82
C ARG A 93 6.52 -20.39 -10.89
N VAL A 94 7.07 -19.95 -9.77
CA VAL A 94 7.83 -18.68 -9.71
C VAL A 94 9.30 -19.05 -9.65
N PRO A 95 10.17 -18.47 -10.50
CA PRO A 95 11.60 -18.81 -10.42
C PRO A 95 12.19 -18.55 -9.02
N ASN A 96 13.15 -19.37 -8.59
CA ASN A 96 13.78 -19.16 -7.28
C ASN A 96 14.89 -18.10 -7.44
N TYR A 97 14.50 -16.82 -7.59
CA TYR A 97 15.42 -15.70 -7.83
C TYR A 97 16.64 -15.66 -6.91
N ASN A 98 17.85 -15.54 -7.53
CA ASN A 98 19.11 -15.46 -6.78
C ASN A 98 19.27 -14.10 -6.07
N LEU A 99 18.74 -13.04 -6.71
CA LEU A 99 18.78 -11.69 -6.19
C LEU A 99 17.35 -11.13 -6.17
N ASN A 100 16.93 -10.60 -5.02
CA ASN A 100 15.59 -10.05 -4.81
C ASN A 100 15.69 -8.58 -4.37
N ILE A 101 15.37 -7.65 -5.26
CA ILE A 101 15.44 -6.22 -4.97
C ILE A 101 14.02 -5.68 -4.77
N MET A 102 13.72 -5.18 -3.57
CA MET A 102 12.44 -4.57 -3.30
C MET A 102 12.61 -3.04 -3.19
N ASP A 103 12.04 -2.26 -4.12
CA ASP A 103 12.06 -0.81 -3.99
C ASP A 103 10.90 -0.36 -3.08
N GLU A 104 11.10 0.75 -2.31
CA GLU A 104 10.12 1.30 -1.34
C GLU A 104 9.74 0.20 -0.37
N ALA A 105 10.76 -0.47 0.20
CA ALA A 105 10.53 -1.63 1.04
C ALA A 105 9.90 -1.31 2.42
N HIS A 106 9.44 -0.08 2.62
CA HIS A 106 8.73 0.31 3.82
C HIS A 106 7.20 0.08 3.67
N PHE A 107 6.68 -0.17 2.44
CA PHE A 107 5.26 -0.36 2.15
C PHE A 107 4.60 -1.35 3.16
N THR A 108 3.58 -0.90 3.89
CA THR A 108 2.95 -1.73 4.90
C THR A 108 1.65 -2.41 4.45
N ASP A 109 1.39 -2.50 3.14
CA ASP A 109 0.21 -3.23 2.66
C ASP A 109 0.47 -4.75 2.84
N PRO A 110 -0.56 -5.56 3.14
CA PRO A 110 -0.33 -6.99 3.45
C PRO A 110 0.58 -7.78 2.49
N SER A 111 0.48 -7.54 1.17
CA SER A 111 1.29 -8.26 0.20
C SER A 111 2.74 -7.83 0.21
N SER A 112 3.04 -6.58 0.59
CA SER A 112 4.42 -6.11 0.68
C SER A 112 5.12 -6.75 1.90
N ILE A 113 4.40 -6.79 3.05
CA ILE A 113 4.89 -7.40 4.29
C ILE A 113 5.15 -8.90 4.01
N ALA A 114 4.20 -9.59 3.29
CA ALA A 114 4.33 -11.00 2.94
C ALA A 114 5.54 -11.23 2.03
N ALA A 115 5.71 -10.40 0.98
CA ALA A 115 6.88 -10.52 0.12
C ALA A 115 8.19 -10.33 0.90
N ARG A 116 8.26 -9.38 1.89
CA ARG A 116 9.47 -9.21 2.71
C ARG A 116 9.74 -10.46 3.55
N GLY A 117 8.68 -11.09 4.06
CA GLY A 117 8.79 -12.29 4.88
C GLY A 117 9.30 -13.49 4.12
N TYR A 118 8.76 -13.73 2.94
CA TYR A 118 9.15 -14.83 2.07
C TYR A 118 10.61 -14.67 1.64
N ILE A 119 10.98 -13.47 1.16
CA ILE A 119 12.31 -13.16 0.69
C ILE A 119 13.37 -13.30 1.81
N SER A 120 13.11 -12.68 2.99
CA SER A 120 14.03 -12.76 4.13
C SER A 120 14.20 -14.18 4.65
N THR A 121 13.16 -15.02 4.52
CA THR A 121 13.27 -16.42 4.95
C THR A 121 14.21 -17.18 4.00
N ARG A 122 14.09 -16.94 2.69
CA ARG A 122 14.97 -17.55 1.70
C ARG A 122 16.42 -17.14 1.93
N VAL A 123 16.68 -15.87 2.35
CA VAL A 123 18.04 -15.38 2.62
C VAL A 123 18.56 -16.09 3.87
N GLU A 124 17.75 -16.13 4.95
CA GLU A 124 18.11 -16.80 6.20
C GLU A 124 18.50 -18.26 5.97
N MET A 125 17.73 -18.96 5.11
CA MET A 125 17.99 -20.36 4.69
C MET A 125 19.29 -20.53 3.86
N GLY A 126 19.87 -19.43 3.40
CA GLY A 126 21.07 -19.44 2.57
C GLY A 126 20.82 -19.64 1.09
N GLU A 127 19.55 -19.53 0.67
CA GLU A 127 19.15 -19.77 -0.71
C GLU A 127 19.25 -18.59 -1.66
N ALA A 128 19.33 -17.35 -1.15
CA ALA A 128 19.30 -16.17 -1.99
C ALA A 128 19.92 -14.92 -1.29
N ALA A 129 20.10 -13.83 -2.05
CA ALA A 129 20.51 -12.52 -1.60
C ALA A 129 19.31 -11.57 -1.80
N ALA A 130 19.28 -10.45 -1.10
CA ALA A 130 18.19 -9.49 -1.19
C ALA A 130 18.65 -8.08 -0.88
N ILE A 131 18.01 -7.10 -1.52
CA ILE A 131 18.27 -5.68 -1.25
C ILE A 131 16.91 -5.02 -0.95
N PHE A 132 16.78 -4.39 0.21
CA PHE A 132 15.56 -3.68 0.58
C PHE A 132 15.88 -2.20 0.47
N MET A 133 15.29 -1.50 -0.50
CA MET A 133 15.54 -0.09 -0.71
C MET A 133 14.46 0.76 -0.05
N THR A 134 14.84 1.53 0.98
CA THR A 134 13.96 2.48 1.68
C THR A 134 14.77 3.41 2.58
N ALA A 135 14.39 4.69 2.63
CA ALA A 135 14.99 5.60 3.60
C ALA A 135 14.51 5.26 5.02
N THR A 136 13.34 4.60 5.17
CA THR A 136 12.72 4.32 6.47
C THR A 136 12.44 2.82 6.73
N PRO A 137 13.47 2.05 7.09
CA PRO A 137 13.25 0.62 7.39
C PRO A 137 12.40 0.39 8.65
N PRO A 138 11.86 -0.81 8.88
CA PRO A 138 11.01 -1.03 10.06
C PRO A 138 11.67 -0.65 11.38
N GLY A 139 11.04 0.24 12.13
CA GLY A 139 11.58 0.65 13.43
C GLY A 139 12.28 1.99 13.48
N THR A 140 12.27 2.73 12.36
CA THR A 140 12.88 4.05 12.33
C THR A 140 12.14 5.00 13.29
N ARG A 141 12.91 5.73 14.07
CA ARG A 141 12.37 6.69 15.04
C ARG A 141 12.67 8.13 14.67
N ASP A 142 13.16 8.38 13.45
CA ASP A 142 13.48 9.73 13.01
C ASP A 142 12.50 10.18 11.94
N ALA A 143 11.62 11.12 12.30
CA ALA A 143 10.64 11.73 11.41
C ALA A 143 11.25 12.88 10.57
N PHE A 144 12.47 13.35 10.92
CA PHE A 144 13.11 14.44 10.19
C PHE A 144 14.48 14.05 9.58
N PRO A 145 14.55 13.11 8.62
CA PRO A 145 15.84 12.74 8.03
C PRO A 145 16.46 13.82 7.10
N ASP A 146 17.66 13.54 6.57
CA ASP A 146 18.34 14.45 5.65
C ASP A 146 17.58 14.62 4.34
N SER A 147 17.85 15.71 3.63
CA SER A 147 17.21 15.96 2.34
C SER A 147 18.20 16.66 1.38
N ASN A 148 17.84 16.79 0.11
CA ASN A 148 18.68 17.42 -0.89
C ASN A 148 18.83 18.92 -0.68
N SER A 149 17.82 19.57 -0.11
CA SER A 149 17.88 20.99 0.26
C SER A 149 17.15 21.19 1.60
N PRO A 150 17.52 22.24 2.37
CA PRO A 150 16.88 22.43 3.68
C PRO A 150 15.38 22.62 3.61
N ILE A 151 14.68 22.04 4.58
CA ILE A 151 13.23 22.11 4.71
C ILE A 151 12.88 22.94 5.96
N MET A 152 11.84 23.80 5.88
CA MET A 152 11.38 24.55 7.05
C MET A 152 10.34 23.66 7.71
N ASP A 153 10.63 23.14 8.90
CA ASP A 153 9.70 22.30 9.64
C ASP A 153 8.90 23.17 10.62
N THR A 154 7.55 23.05 10.60
CA THR A 154 6.69 23.83 11.50
C THR A 154 5.54 23.01 12.06
N GLU A 155 5.48 22.89 13.40
CA GLU A 155 4.37 22.24 14.06
C GLU A 155 3.22 23.25 14.06
N VAL A 156 2.06 22.88 13.52
CA VAL A 156 0.94 23.80 13.41
C VAL A 156 -0.40 23.03 13.46
N GLU A 157 -1.50 23.69 13.88
CA GLU A 157 -2.83 23.06 13.83
C GLU A 157 -3.24 22.94 12.34
N VAL A 158 -3.61 21.74 11.90
CA VAL A 158 -4.00 21.51 10.52
C VAL A 158 -5.49 21.16 10.47
N PRO A 159 -6.27 21.83 9.61
CA PRO A 159 -7.69 21.51 9.53
C PRO A 159 -7.96 20.11 9.00
N GLU A 160 -8.93 19.41 9.62
CA GLU A 160 -9.39 18.07 9.19
C GLU A 160 -10.88 18.10 8.73
N ARG A 161 -11.48 19.30 8.69
CA ARG A 161 -12.85 19.56 8.25
C ARG A 161 -12.82 20.87 7.45
N ALA A 162 -13.94 21.24 6.76
CA ALA A 162 -14.01 22.52 6.07
C ALA A 162 -13.87 23.68 7.09
N TRP A 163 -13.37 24.83 6.64
CA TRP A 163 -13.18 25.96 7.54
C TRP A 163 -13.62 27.25 6.88
N SER A 164 -14.01 28.21 7.71
CA SER A 164 -14.42 29.55 7.30
C SER A 164 -13.41 30.61 7.74
N SER A 165 -12.61 30.33 8.78
CA SER A 165 -11.61 31.25 9.31
C SER A 165 -10.58 30.48 10.15
N GLY A 166 -9.48 31.14 10.52
CA GLY A 166 -8.46 30.56 11.38
C GLY A 166 -7.28 29.84 10.73
N PHE A 167 -7.28 29.66 9.40
CA PHE A 167 -6.18 28.96 8.73
C PHE A 167 -5.78 29.71 7.44
N ASP A 168 -5.60 31.05 7.53
CA ASP A 168 -5.24 31.87 6.38
C ASP A 168 -3.97 31.36 5.64
N TRP A 169 -2.98 30.85 6.39
CA TRP A 169 -1.71 30.32 5.89
C TRP A 169 -1.84 29.21 4.83
N VAL A 170 -2.93 28.44 4.92
CA VAL A 170 -3.22 27.33 4.00
C VAL A 170 -3.53 27.87 2.59
N THR A 171 -4.47 28.82 2.48
CA THR A 171 -4.88 29.35 1.18
C THR A 171 -4.04 30.55 0.69
N ASP A 172 -3.34 31.28 1.60
CA ASP A 172 -2.51 32.42 1.21
C ASP A 172 -1.13 32.02 0.68
N HIS A 173 -1.00 30.82 0.16
CA HIS A 173 0.24 30.31 -0.38
C HIS A 173 0.09 30.27 -1.91
N SER A 174 1.09 30.74 -2.65
CA SER A 174 1.01 30.78 -4.11
C SER A 174 1.74 29.63 -4.82
N GLY A 175 2.12 28.59 -4.09
CA GLY A 175 2.82 27.45 -4.68
C GLY A 175 1.96 26.22 -4.83
N LYS A 176 2.60 25.05 -4.79
CA LYS A 176 1.90 23.77 -4.88
C LYS A 176 2.07 23.00 -3.59
N THR A 177 0.95 22.52 -3.05
CA THR A 177 0.92 21.78 -1.78
C THR A 177 0.45 20.34 -1.94
N VAL A 178 1.12 19.42 -1.26
CA VAL A 178 0.72 18.02 -1.19
C VAL A 178 0.21 17.86 0.26
N TRP A 179 -1.06 17.53 0.41
CA TRP A 179 -1.70 17.45 1.72
C TRP A 179 -2.10 15.99 2.02
N PHE A 180 -1.52 15.42 3.08
CA PHE A 180 -1.83 14.05 3.50
C PHE A 180 -2.95 14.04 4.55
N VAL A 181 -4.07 13.43 4.18
CA VAL A 181 -5.29 13.29 4.97
C VAL A 181 -5.40 11.85 5.54
N PRO A 182 -6.16 11.64 6.63
CA PRO A 182 -6.28 10.27 7.18
C PRO A 182 -7.19 9.34 6.37
N SER A 183 -8.05 9.89 5.50
CA SER A 183 -8.99 9.07 4.73
C SER A 183 -9.55 9.78 3.49
N VAL A 184 -10.07 8.98 2.53
CA VAL A 184 -10.74 9.46 1.33
C VAL A 184 -11.89 10.43 1.68
N ARG A 185 -12.78 10.06 2.64
CA ARG A 185 -13.90 10.90 3.08
C ARG A 185 -13.44 12.26 3.65
N ASN A 186 -12.35 12.25 4.45
CA ASN A 186 -11.79 13.49 5.00
CA ASN A 186 -11.75 13.45 5.02
C ASN A 186 -11.18 14.33 3.88
N GLY A 187 -10.54 13.68 2.93
CA GLY A 187 -9.96 14.36 1.78
C GLY A 187 -11.03 15.03 0.94
N ASN A 188 -12.23 14.37 0.74
CA ASN A 188 -13.34 14.93 -0.02
C ASN A 188 -13.83 16.26 0.61
N GLU A 189 -13.94 16.30 1.95
CA GLU A 189 -14.40 17.51 2.66
C GLU A 189 -13.43 18.68 2.49
N ILE A 190 -12.13 18.43 2.70
CA ILE A 190 -11.10 19.44 2.53
C ILE A 190 -10.97 19.87 1.04
N ALA A 191 -10.99 18.91 0.10
CA ALA A 191 -10.91 19.24 -1.34
C ALA A 191 -12.07 20.16 -1.73
N ALA A 192 -13.29 19.86 -1.24
CA ALA A 192 -14.46 20.72 -1.49
C ALA A 192 -14.30 22.15 -0.94
N CYS A 193 -13.73 22.29 0.27
CA CYS A 193 -13.52 23.60 0.90
C CYS A 193 -12.51 24.42 0.08
N LEU A 194 -11.40 23.77 -0.36
CA LEU A 194 -10.36 24.40 -1.16
C LEU A 194 -10.90 24.79 -2.53
N THR A 195 -11.76 23.94 -3.15
CA THR A 195 -12.32 24.28 -4.46
C THR A 195 -13.24 25.49 -4.35
N LYS A 196 -14.11 25.54 -3.33
CA LYS A 196 -14.98 26.69 -3.11
C LYS A 196 -14.16 27.99 -2.92
N ALA A 197 -12.93 27.89 -2.41
CA ALA A 197 -12.02 29.02 -2.22
C ALA A 197 -11.22 29.41 -3.49
N GLY A 198 -11.48 28.75 -4.61
CA GLY A 198 -10.82 29.05 -5.89
C GLY A 198 -9.61 28.21 -6.23
N LYS A 199 -9.35 27.13 -5.46
CA LYS A 199 -8.18 26.29 -5.75
C LYS A 199 -8.49 25.14 -6.70
N ARG A 200 -7.46 24.69 -7.45
CA ARG A 200 -7.53 23.52 -8.37
C ARG A 200 -6.95 22.34 -7.62
N VAL A 201 -7.78 21.35 -7.30
CA VAL A 201 -7.39 20.24 -6.45
C VAL A 201 -7.47 18.89 -7.12
N ILE A 202 -6.43 18.08 -6.99
CA ILE A 202 -6.42 16.71 -7.47
C ILE A 202 -6.46 15.80 -6.22
N GLN A 203 -7.29 14.73 -6.24
CA GLN A 203 -7.40 13.77 -5.13
C GLN A 203 -6.82 12.42 -5.48
N LEU A 204 -5.96 11.88 -4.60
CA LEU A 204 -5.32 10.59 -4.82
C LEU A 204 -5.66 9.60 -3.74
N SER A 205 -5.95 8.36 -4.13
CA SER A 205 -6.22 7.25 -3.18
C SER A 205 -5.76 5.92 -3.83
N ARG A 206 -5.79 4.80 -3.09
CA ARG A 206 -5.36 3.50 -3.64
C ARG A 206 -6.08 3.11 -4.94
N LYS A 207 -7.41 3.19 -4.97
CA LYS A 207 -8.18 2.79 -6.16
C LYS A 207 -8.05 3.72 -7.34
N THR A 208 -7.84 5.00 -7.13
CA THR A 208 -7.76 5.99 -8.21
C THR A 208 -6.34 6.40 -8.62
N PHE A 209 -5.31 5.94 -7.88
CA PHE A 209 -3.91 6.34 -7.97
C PHE A 209 -3.30 6.47 -9.41
N GLU A 210 -3.30 5.40 -10.23
CA GLU A 210 -2.65 5.50 -11.55
C GLU A 210 -3.27 6.55 -12.48
N THR A 211 -4.61 6.63 -12.53
CA THR A 211 -5.34 7.56 -13.37
C THR A 211 -5.20 9.01 -12.94
N GLU A 212 -5.39 9.29 -11.64
CA GLU A 212 -5.34 10.67 -11.14
C GLU A 212 -3.93 11.22 -11.04
N PHE A 213 -2.92 10.35 -10.86
CA PHE A 213 -1.55 10.83 -10.75
C PHE A 213 -1.09 11.50 -12.05
N GLN A 214 -1.55 10.99 -13.20
CA GLN A 214 -1.22 11.56 -14.50
C GLN A 214 -1.64 13.02 -14.59
N LYS A 215 -2.74 13.42 -13.89
CA LYS A 215 -3.22 14.81 -13.83
C LYS A 215 -2.24 15.76 -13.19
N THR A 216 -1.37 15.26 -12.29
CA THR A 216 -0.36 16.12 -11.68
C THR A 216 0.67 16.59 -12.71
N LYS A 217 0.85 15.83 -13.81
CA LYS A 217 1.76 16.13 -14.91
C LYS A 217 1.03 16.82 -16.09
N ASN A 218 -0.22 16.39 -16.39
CA ASN A 218 -0.98 16.94 -17.51
C ASN A 218 -1.59 18.33 -17.28
N GLN A 219 -1.88 18.70 -16.02
CA GLN A 219 -2.49 20.01 -15.78
C GLN A 219 -1.88 20.78 -14.61
N GLU A 220 -2.16 22.08 -14.55
CA GLU A 220 -1.70 22.92 -13.46
C GLU A 220 -2.66 22.71 -12.30
N TRP A 221 -2.13 22.56 -11.10
CA TRP A 221 -2.89 22.35 -9.89
C TRP A 221 -2.31 23.20 -8.76
N ASP A 222 -3.08 23.39 -7.68
CA ASP A 222 -2.64 24.14 -6.50
C ASP A 222 -2.46 23.19 -5.33
N PHE A 223 -3.37 22.21 -5.19
CA PHE A 223 -3.29 21.25 -4.10
C PHE A 223 -3.48 19.83 -4.62
N VAL A 224 -2.82 18.87 -3.96
CA VAL A 224 -2.96 17.44 -4.14
C VAL A 224 -3.42 16.90 -2.76
N ILE A 225 -4.66 16.43 -2.65
CA ILE A 225 -5.16 15.85 -1.42
C ILE A 225 -4.93 14.34 -1.56
N THR A 226 -4.16 13.75 -0.64
CA THR A 226 -3.84 12.33 -0.76
C THR A 226 -3.92 11.55 0.55
N THR A 227 -4.14 10.25 0.41
CA THR A 227 -4.07 9.35 1.55
C THR A 227 -2.57 8.89 1.66
N ASP A 228 -2.25 7.99 2.61
CA ASP A 228 -0.93 7.47 2.83
C ASP A 228 -0.30 6.79 1.59
N ILE A 229 -1.08 6.54 0.49
CA ILE A 229 -0.52 5.90 -0.73
C ILE A 229 0.64 6.70 -1.36
N SER A 230 0.63 8.04 -1.22
CA SER A 230 1.68 8.86 -1.80
C SER A 230 3.02 8.80 -1.02
N GLU A 231 3.11 7.97 0.03
CA GLU A 231 4.38 7.74 0.76
C GLU A 231 5.28 6.73 -0.01
N MET A 232 4.73 6.01 -1.01
CA MET A 232 5.45 4.97 -1.73
C MET A 232 6.05 5.42 -3.08
N GLY A 233 6.94 6.40 -3.03
CA GLY A 233 7.67 6.83 -4.22
C GLY A 233 6.98 7.80 -5.15
N ALA A 234 5.78 8.30 -4.78
CA ALA A 234 5.07 9.27 -5.61
C ALA A 234 5.87 10.57 -5.60
N ASN A 235 6.23 11.08 -6.78
CA ASN A 235 6.99 12.32 -6.85
C ASN A 235 6.18 13.46 -7.43
N PHE A 236 6.31 14.62 -6.79
CA PHE A 236 5.59 15.84 -7.19
C PHE A 236 6.56 17.01 -7.38
N LYS A 237 6.13 18.07 -8.09
CA LYS A 237 6.93 19.29 -8.27
C LYS A 237 6.32 20.30 -7.30
N ALA A 238 6.39 20.00 -6.01
CA ALA A 238 5.74 20.82 -4.99
C ALA A 238 6.75 21.62 -4.13
N ASP A 239 6.29 22.65 -3.44
CA ASP A 239 7.14 23.39 -2.50
C ASP A 239 6.65 23.32 -1.05
N ARG A 240 5.55 22.60 -0.79
CA ARG A 240 5.01 22.50 0.56
C ARG A 240 4.28 21.18 0.78
N VAL A 241 4.40 20.63 1.97
CA VAL A 241 3.63 19.48 2.41
C VAL A 241 2.84 19.90 3.67
N ILE A 242 1.55 19.68 3.62
CA ILE A 242 0.68 19.85 4.78
C ILE A 242 0.40 18.41 5.22
N ASP A 243 0.72 18.08 6.47
CA ASP A 243 0.54 16.74 6.97
C ASP A 243 -0.32 16.74 8.25
N SER A 244 -1.50 16.15 8.18
CA SER A 244 -2.35 16.03 9.38
C SER A 244 -1.64 15.15 10.44
N ARG A 245 -0.67 14.28 10.00
CA ARG A 245 0.06 13.34 10.86
C ARG A 245 -0.85 12.22 11.38
N ARG A 246 -1.98 11.99 10.72
CA ARG A 246 -3.01 11.02 11.11
C ARG A 246 -3.32 10.03 10.01
N CYS A 247 -3.78 8.86 10.42
CA CYS A 247 -4.12 7.74 9.55
C CYS A 247 -5.22 6.92 10.22
N LEU A 248 -5.89 6.07 9.44
CA LEU A 248 -6.85 5.13 9.99
C LEU A 248 -6.11 3.81 10.17
N LYS A 249 -6.52 3.04 11.18
CA LYS A 249 -5.88 1.76 11.46
C LYS A 249 -6.92 0.66 11.44
N PRO A 250 -6.81 -0.36 10.57
CA PRO A 250 -7.76 -1.48 10.65
C PRO A 250 -7.43 -2.35 11.88
N VAL A 251 -8.40 -2.64 12.72
CA VAL A 251 -8.19 -3.43 13.94
C VAL A 251 -9.15 -4.63 13.98
N ILE A 252 -8.67 -5.84 14.32
CA ILE A 252 -9.53 -7.01 14.44
C ILE A 252 -10.02 -7.10 15.89
N LEU A 253 -11.32 -6.86 16.10
CA LEU A 253 -11.90 -6.87 17.45
C LEU A 253 -12.46 -8.22 17.76
N ASP A 254 -12.05 -8.79 18.90
CA ASP A 254 -12.53 -10.09 19.37
C ASP A 254 -12.42 -11.22 18.32
N GLY A 255 -11.51 -11.07 17.36
CA GLY A 255 -11.34 -12.02 16.27
C GLY A 255 -12.54 -12.20 15.37
N GLU A 256 -13.59 -11.37 15.55
CA GLU A 256 -14.84 -11.55 14.80
C GLU A 256 -15.25 -10.43 13.84
N ARG A 257 -14.58 -9.28 13.87
CA ARG A 257 -14.91 -8.14 13.01
C ARG A 257 -13.72 -7.21 12.86
N VAL A 258 -13.72 -6.38 11.82
CA VAL A 258 -12.64 -5.43 11.58
C VAL A 258 -13.23 -4.03 11.59
N ILE A 259 -12.65 -3.12 12.38
CA ILE A 259 -13.08 -1.72 12.39
C ILE A 259 -11.95 -0.84 11.89
N LEU A 260 -12.26 0.39 11.45
CA LEU A 260 -11.25 1.33 11.04
C LEU A 260 -11.08 2.35 12.19
N ALA A 261 -10.19 2.03 13.16
CA ALA A 261 -9.95 2.87 14.33
C ALA A 261 -9.20 4.15 13.99
N GLY A 262 -9.47 5.20 14.76
CA GLY A 262 -8.81 6.49 14.59
C GLY A 262 -9.71 7.60 14.05
N PRO A 263 -9.17 8.62 13.34
CA PRO A 263 -7.76 8.83 12.93
C PRO A 263 -6.83 8.90 14.14
N MET A 264 -5.66 8.27 13.98
CA MET A 264 -4.64 8.21 15.03
C MET A 264 -3.26 8.54 14.44
N PRO A 265 -2.25 8.83 15.29
CA PRO A 265 -0.94 9.23 14.75
C PRO A 265 -0.29 8.23 13.79
N VAL A 266 0.44 8.76 12.82
CA VAL A 266 1.21 7.94 11.91
C VAL A 266 2.53 7.51 12.57
N THR A 267 3.20 6.48 12.02
CA THR A 267 4.51 6.05 12.49
C THR A 267 5.58 7.11 12.09
N HIS A 268 6.78 7.03 12.69
CA HIS A 268 7.91 7.90 12.31
C HIS A 268 8.30 7.67 10.85
N ALA A 269 8.19 6.41 10.33
CA ALA A 269 8.53 6.11 8.94
C ALA A 269 7.57 6.83 8.00
N SER A 270 6.24 6.82 8.33
CA SER A 270 5.23 7.48 7.52
C SER A 270 5.38 8.99 7.48
N ALA A 271 5.59 9.60 8.66
CA ALA A 271 5.81 11.05 8.75
C ALA A 271 7.09 11.44 7.98
N ALA A 272 8.17 10.64 8.08
CA ALA A 272 9.39 10.93 7.31
C ALA A 272 9.15 10.80 5.79
N GLN A 273 8.37 9.80 5.35
CA GLN A 273 8.07 9.62 3.92
C GLN A 273 7.18 10.74 3.38
N ARG A 274 6.20 11.23 4.19
CA ARG A 274 5.28 12.32 3.82
C ARG A 274 6.08 13.62 3.66
N ARG A 275 6.95 13.90 4.64
CA ARG A 275 7.85 15.05 4.61
C ARG A 275 8.81 14.95 3.40
N GLY A 276 9.27 13.72 3.11
CA GLY A 276 10.19 13.40 2.03
C GLY A 276 9.74 13.79 0.63
N ARG A 277 8.43 14.13 0.44
CA ARG A 277 7.92 14.57 -0.87
C ARG A 277 8.52 15.91 -1.31
N ILE A 278 8.97 16.75 -0.35
CA ILE A 278 9.55 18.06 -0.60
C ILE A 278 11.02 18.13 -0.10
N GLY A 279 11.72 19.21 -0.44
CA GLY A 279 13.13 19.38 -0.11
C GLY A 279 14.02 18.51 -0.99
N ARG A 280 13.51 18.05 -2.15
CA ARG A 280 14.17 17.13 -3.08
C ARG A 280 15.06 17.79 -4.15
N ASN A 281 14.87 19.09 -4.40
CA ASN A 281 15.65 19.80 -5.42
C ASN A 281 16.70 20.64 -4.68
N PRO A 282 17.99 20.36 -4.88
CA PRO A 282 19.02 21.15 -4.17
C PRO A 282 19.08 22.62 -4.59
N ASN A 283 18.54 22.95 -5.77
CA ASN A 283 18.46 24.33 -6.24
C ASN A 283 17.25 25.08 -5.68
N LYS A 284 16.40 24.45 -4.84
CA LYS A 284 15.22 25.11 -4.29
C LYS A 284 15.09 24.89 -2.79
N PRO A 285 15.93 25.59 -1.99
CA PRO A 285 15.78 25.49 -0.53
C PRO A 285 14.50 26.21 -0.07
N GLY A 286 14.10 25.96 1.16
CA GLY A 286 12.94 26.63 1.72
C GLY A 286 11.59 25.96 1.51
N ASP A 287 11.58 24.69 1.03
CA ASP A 287 10.30 23.97 0.93
C ASP A 287 9.72 23.79 2.37
N GLU A 288 8.41 23.89 2.51
CA GLU A 288 7.79 23.87 3.83
C GLU A 288 7.16 22.54 4.23
N TYR A 289 7.29 22.18 5.50
CA TYR A 289 6.65 20.99 6.03
C TYR A 289 5.86 21.36 7.29
N MET A 290 4.53 21.45 7.14
CA MET A 290 3.62 21.80 8.23
C MET A 290 2.95 20.56 8.75
N TYR A 291 3.19 20.20 10.02
CA TYR A 291 2.63 18.97 10.61
C TYR A 291 1.72 19.26 11.80
N GLY A 292 0.57 18.59 11.83
CA GLY A 292 -0.50 18.79 12.81
C GLY A 292 -0.69 17.78 13.92
N GLY A 293 0.36 17.06 14.27
CA GLY A 293 0.33 16.08 15.35
C GLY A 293 1.66 15.38 15.52
N GLY A 294 1.78 14.56 16.56
CA GLY A 294 2.98 13.78 16.79
C GLY A 294 2.91 12.38 16.19
N CYS A 295 4.00 11.59 16.32
CA CYS A 295 4.08 10.20 15.83
C CYS A 295 3.92 9.20 16.96
N ALA A 296 3.49 8.00 16.62
CA ALA A 296 3.34 6.89 17.56
C ALA A 296 3.52 5.58 16.78
N GLU A 297 3.78 4.45 17.49
CA GLU A 297 3.97 3.19 16.78
CA GLU A 297 3.98 3.14 16.87
C GLU A 297 2.62 2.46 16.63
N THR A 298 1.79 3.02 15.74
CA THR A 298 0.44 2.52 15.48
C THR A 298 0.39 1.31 14.51
N ASP A 299 1.54 0.72 14.18
CA ASP A 299 1.57 -0.52 13.42
C ASP A 299 1.45 -1.75 14.35
N GLU A 300 1.61 -1.58 15.68
CA GLU A 300 1.46 -2.70 16.61
C GLU A 300 -0.03 -2.97 16.73
N GLY A 301 -0.44 -4.19 16.40
CA GLY A 301 -1.85 -4.54 16.43
C GLY A 301 -2.65 -4.11 15.21
N HIS A 302 -1.95 -3.64 14.17
CA HIS A 302 -2.57 -3.21 12.93
C HIS A 302 -2.91 -4.51 12.15
N ALA A 303 -4.12 -4.59 11.57
CA ALA A 303 -4.56 -5.81 10.86
C ALA A 303 -3.67 -6.25 9.67
N HIS A 304 -2.94 -5.34 9.01
CA HIS A 304 -2.08 -5.70 7.91
C HIS A 304 -1.02 -6.76 8.26
N TRP A 305 -0.53 -6.81 9.51
CA TRP A 305 0.49 -7.80 9.89
C TRP A 305 -0.12 -9.21 10.12
N LEU A 306 -1.35 -9.26 10.65
CA LEU A 306 -2.08 -10.50 10.81
C LEU A 306 -2.46 -11.03 9.38
N GLU A 307 -2.88 -10.12 8.49
CA GLU A 307 -3.22 -10.47 7.11
C GLU A 307 -1.98 -10.98 6.34
N ALA A 308 -0.80 -10.43 6.64
CA ALA A 308 0.43 -10.90 5.98
C ALA A 308 0.78 -12.32 6.43
N ARG A 309 0.50 -12.65 7.70
CA ARG A 309 0.68 -13.98 8.25
C ARG A 309 -0.32 -14.96 7.57
N MET A 310 -1.55 -14.52 7.26
CA MET A 310 -2.53 -15.34 6.53
C MET A 310 -2.01 -15.67 5.11
N LEU A 311 -1.33 -14.71 4.46
CA LEU A 311 -0.77 -14.94 3.12
C LEU A 311 0.41 -15.92 3.14
N LEU A 312 1.39 -15.73 4.06
CA LEU A 312 2.58 -16.57 4.18
C LEU A 312 2.27 -18.01 4.60
N ASP A 313 1.25 -18.18 5.45
CA ASP A 313 0.78 -19.50 5.85
C ASP A 313 0.24 -20.32 4.67
N ASN A 314 -0.16 -19.63 3.58
CA ASN A 314 -0.69 -20.29 2.38
C ASN A 314 0.27 -20.21 1.17
N ILE A 315 1.55 -19.97 1.40
CA ILE A 315 2.55 -19.95 0.35
C ILE A 315 3.51 -21.11 0.60
N TYR A 316 3.70 -21.98 -0.39
CA TYR A 316 4.63 -23.10 -0.27
C TYR A 316 6.06 -22.58 -0.23
N LEU A 317 6.89 -23.14 0.65
CA LEU A 317 8.29 -22.74 0.76
C LEU A 317 9.22 -23.96 0.62
N GLN A 318 9.05 -24.97 1.47
CA GLN A 318 9.84 -26.20 1.45
C GLN A 318 9.13 -27.15 2.38
N ASP A 319 8.55 -28.23 1.83
CA ASP A 319 7.79 -29.25 2.56
C ASP A 319 6.71 -28.58 3.46
N GLY A 320 6.73 -28.78 4.77
CA GLY A 320 5.77 -28.16 5.67
C GLY A 320 6.24 -26.84 6.28
N LEU A 321 7.44 -26.35 5.90
CA LEU A 321 7.98 -25.09 6.43
C LEU A 321 7.18 -23.89 5.95
N ILE A 322 7.09 -22.86 6.79
CA ILE A 322 6.35 -21.65 6.50
C ILE A 322 7.24 -20.42 6.73
N ALA A 323 7.20 -19.46 5.79
CA ALA A 323 8.00 -18.24 5.90
C ALA A 323 7.65 -17.43 7.13
N SER A 324 8.67 -16.93 7.80
CA SER A 324 8.51 -16.03 8.92
C SER A 324 8.42 -14.61 8.39
N LEU A 325 7.88 -13.69 9.20
CA LEU A 325 7.86 -12.28 8.86
C LEU A 325 9.30 -11.76 8.99
N TYR A 326 9.67 -10.74 8.19
CA TYR A 326 10.96 -10.05 8.24
C TYR A 326 11.21 -9.61 9.71
N ARG A 327 12.29 -10.13 10.32
CA ARG A 327 12.60 -9.98 11.74
C ARG A 327 12.32 -8.55 12.34
N PRO A 328 12.74 -7.39 11.80
CA PRO A 328 12.40 -6.10 12.45
C PRO A 328 10.91 -5.73 12.46
N GLU A 329 10.04 -6.52 11.80
CA GLU A 329 8.61 -6.24 11.81
C GLU A 329 7.74 -7.44 12.29
N ALA A 330 8.38 -8.51 12.76
CA ALA A 330 7.73 -9.74 13.22
C ALA A 330 6.92 -9.64 14.54
N ASP A 331 7.24 -8.67 15.42
CA ASP A 331 6.53 -8.53 16.69
C ASP A 331 5.22 -7.74 16.61
N LYS A 332 4.92 -7.12 15.45
CA LYS A 332 3.73 -6.29 15.26
C LYS A 332 2.40 -7.05 15.36
N VAL A 333 2.44 -8.39 15.38
CA VAL A 333 1.24 -9.22 15.45
C VAL A 333 1.49 -10.41 16.37
N ALA A 334 0.50 -10.79 17.18
CA ALA A 334 0.62 -11.98 18.01
C ALA A 334 0.07 -13.11 17.14
N ALA A 335 0.95 -13.89 16.48
CA ALA A 335 0.47 -14.94 15.57
C ALA A 335 1.30 -16.21 15.55
N ILE A 336 0.63 -17.35 15.61
CA ILE A 336 1.25 -18.68 15.52
C ILE A 336 1.49 -19.02 14.04
N GLU A 337 2.75 -19.22 13.61
CA GLU A 337 3.04 -19.59 12.23
C GLU A 337 2.37 -20.93 11.91
N GLY A 338 1.66 -20.97 10.80
CA GLY A 338 0.86 -22.09 10.35
C GLY A 338 -0.61 -22.09 10.76
N GLU A 339 -1.05 -21.16 11.64
CA GLU A 339 -2.44 -21.20 12.13
C GLU A 339 -3.48 -20.88 11.05
N PHE A 340 -3.09 -20.15 9.99
CA PHE A 340 -4.02 -19.83 8.90
C PHE A 340 -3.86 -20.71 7.66
N LYS A 341 -3.07 -21.77 7.75
CA LYS A 341 -2.81 -22.69 6.64
C LYS A 341 -4.08 -23.44 6.24
N LEU A 342 -4.53 -23.23 5.00
CA LEU A 342 -5.74 -23.84 4.48
C LEU A 342 -5.49 -25.07 3.61
N ARG A 343 -6.46 -25.98 3.58
CA ARG A 343 -6.39 -27.13 2.67
C ARG A 343 -6.53 -26.61 1.21
N THR A 344 -6.07 -27.39 0.25
CA THR A 344 -6.02 -27.04 -1.16
C THR A 344 -7.28 -26.28 -1.69
N GLU A 345 -8.47 -26.85 -1.55
CA GLU A 345 -9.69 -26.22 -2.07
C GLU A 345 -10.08 -24.95 -1.35
N GLN A 346 -9.93 -24.90 -0.02
CA GLN A 346 -10.24 -23.67 0.72
C GLN A 346 -9.24 -22.57 0.36
N ARG A 347 -7.97 -22.93 0.09
CA ARG A 347 -6.92 -21.99 -0.29
C ARG A 347 -7.20 -21.39 -1.67
N LYS A 348 -7.74 -22.20 -2.59
CA LYS A 348 -8.12 -21.76 -3.93
C LYS A 348 -9.25 -20.72 -3.80
N THR A 349 -10.23 -20.97 -2.94
CA THR A 349 -11.32 -20.03 -2.70
C THR A 349 -10.78 -18.71 -2.10
N PHE A 350 -9.83 -18.83 -1.14
CA PHE A 350 -9.22 -17.70 -0.44
C PHE A 350 -8.53 -16.76 -1.44
N VAL A 351 -7.74 -17.33 -2.34
CA VAL A 351 -7.06 -16.59 -3.40
C VAL A 351 -8.08 -15.91 -4.34
N GLU A 352 -9.08 -16.66 -4.82
CA GLU A 352 -10.10 -16.08 -5.71
C GLU A 352 -10.89 -14.91 -5.05
N LEU A 353 -11.29 -15.06 -3.77
CA LEU A 353 -12.00 -13.98 -3.05
C LEU A 353 -11.15 -12.69 -2.98
N MET A 354 -9.82 -12.83 -2.94
CA MET A 354 -8.92 -11.68 -2.90
C MET A 354 -8.63 -11.14 -4.31
N LYS A 355 -8.48 -12.02 -5.29
CA LYS A 355 -8.16 -11.61 -6.65
C LYS A 355 -9.40 -11.11 -7.37
N ARG A 356 -10.31 -12.00 -7.76
CA ARG A 356 -11.54 -11.59 -8.44
C ARG A 356 -12.54 -10.88 -7.47
N GLY A 357 -12.72 -11.40 -6.27
CA GLY A 357 -13.66 -10.80 -5.32
C GLY A 357 -13.27 -9.43 -4.78
N ASP A 358 -11.96 -9.11 -4.85
CA ASP A 358 -11.37 -7.86 -4.40
C ASP A 358 -11.64 -7.57 -2.91
N LEU A 359 -11.84 -8.62 -2.11
CA LEU A 359 -12.15 -8.48 -0.69
C LEU A 359 -10.89 -8.36 0.15
N PRO A 360 -10.93 -7.67 1.30
CA PRO A 360 -9.73 -7.62 2.17
C PRO A 360 -9.27 -9.04 2.55
N VAL A 361 -7.97 -9.23 2.74
CA VAL A 361 -7.41 -10.51 3.17
C VAL A 361 -8.19 -11.17 4.36
N TRP A 362 -8.37 -10.44 5.46
CA TRP A 362 -9.10 -10.96 6.64
C TRP A 362 -10.49 -11.45 6.27
N LEU A 363 -11.24 -10.69 5.47
CA LEU A 363 -12.60 -11.07 5.11
C LEU A 363 -12.64 -12.36 4.21
N ALA A 364 -11.73 -12.43 3.25
CA ALA A 364 -11.57 -13.57 2.33
C ALA A 364 -11.26 -14.84 3.14
N TYR A 365 -10.42 -14.70 4.18
CA TYR A 365 -10.06 -15.80 5.06
C TYR A 365 -11.30 -16.30 5.82
N GLN A 366 -12.12 -15.40 6.42
CA GLN A 366 -13.32 -15.86 7.14
C GLN A 366 -14.24 -16.68 6.24
N VAL A 367 -14.46 -16.20 5.01
CA VAL A 367 -15.34 -16.87 4.07
C VAL A 367 -14.78 -18.22 3.61
N ALA A 368 -13.55 -18.27 3.11
CA ALA A 368 -12.94 -19.53 2.64
C ALA A 368 -12.73 -20.57 3.78
N SER A 369 -12.32 -20.13 5.01
CA SER A 369 -12.13 -21.04 6.14
C SER A 369 -13.46 -21.64 6.63
N ALA A 370 -14.60 -20.97 6.36
CA ALA A 370 -15.94 -21.46 6.72
C ALA A 370 -16.52 -22.47 5.67
N GLY A 371 -15.70 -22.91 4.72
CA GLY A 371 -16.12 -23.86 3.69
C GLY A 371 -17.09 -23.30 2.67
N ILE A 372 -17.11 -21.98 2.49
CA ILE A 372 -18.01 -21.35 1.53
C ILE A 372 -17.30 -21.22 0.18
N THR A 373 -17.98 -21.59 -0.92
CA THR A 373 -17.40 -21.50 -2.26
C THR A 373 -17.48 -20.07 -2.78
N TYR A 374 -16.58 -19.72 -3.69
CA TYR A 374 -16.45 -18.36 -4.21
C TYR A 374 -17.78 -17.69 -4.61
N THR A 375 -18.60 -18.36 -5.42
CA THR A 375 -19.84 -17.79 -5.94
C THR A 375 -21.02 -17.80 -4.94
N ASP A 376 -20.90 -18.48 -3.79
CA ASP A 376 -21.96 -18.51 -2.78
C ASP A 376 -21.94 -17.22 -1.94
N ARG A 377 -22.94 -16.31 -2.15
CA ARG A 377 -23.06 -15.00 -1.51
C ARG A 377 -24.12 -14.93 -0.40
N ARG A 378 -24.63 -16.07 0.07
CA ARG A 378 -25.63 -16.08 1.14
C ARG A 378 -25.09 -15.42 2.44
N TRP A 379 -23.78 -15.47 2.67
CA TRP A 379 -23.17 -14.83 3.85
C TRP A 379 -23.28 -13.30 3.82
N CYS A 380 -23.43 -12.67 2.62
CA CYS A 380 -23.56 -11.20 2.55
C CYS A 380 -24.87 -10.68 3.16
N PHE A 381 -25.83 -11.56 3.46
CA PHE A 381 -27.15 -11.16 3.94
C PHE A 381 -27.61 -11.82 5.24
N ASP A 382 -26.91 -12.85 5.74
CA ASP A 382 -27.39 -13.58 6.91
C ASP A 382 -26.69 -13.23 8.22
N GLY A 383 -26.08 -12.06 8.32
CA GLY A 383 -25.43 -11.63 9.55
C GLY A 383 -26.37 -11.00 10.55
N THR A 384 -25.90 -10.71 11.78
CA THR A 384 -26.71 -10.09 12.83
C THR A 384 -27.14 -8.66 12.43
N THR A 385 -28.19 -8.14 13.08
CA THR A 385 -28.71 -6.80 12.78
C THR A 385 -27.68 -5.67 12.97
N ASN A 386 -26.72 -5.84 13.91
CA ASN A 386 -25.67 -4.83 14.10
C ASN A 386 -24.64 -4.80 12.95
N ASN A 387 -24.66 -5.83 12.06
CA ASN A 387 -23.81 -5.89 10.87
C ASN A 387 -24.41 -5.24 9.64
N THR A 388 -25.61 -4.63 9.77
CA THR A 388 -26.28 -3.91 8.70
C THR A 388 -25.39 -2.78 8.18
N ILE A 389 -25.08 -2.80 6.90
CA ILE A 389 -24.25 -1.74 6.32
C ILE A 389 -25.17 -0.57 5.97
N MET A 390 -24.83 0.65 6.39
CA MET A 390 -25.66 1.81 6.11
C MET A 390 -25.11 2.69 4.97
N GLU A 391 -26.04 3.22 4.17
CA GLU A 391 -25.71 4.13 3.08
CA GLU A 391 -25.75 4.10 3.05
C GLU A 391 -26.63 5.35 3.18
N ASP A 392 -26.07 6.57 3.18
CA ASP A 392 -26.85 7.81 3.32
C ASP A 392 -27.89 7.74 4.48
N SER A 393 -27.42 7.37 5.69
CA SER A 393 -28.20 7.19 6.91
C SER A 393 -29.36 6.17 6.84
N VAL A 394 -29.42 5.35 5.78
CA VAL A 394 -30.46 4.34 5.58
C VAL A 394 -29.82 2.97 5.21
N PRO A 395 -30.33 1.81 5.69
CA PRO A 395 -29.69 0.53 5.33
C PRO A 395 -29.45 0.30 3.84
N ALA A 396 -28.24 -0.14 3.47
CA ALA A 396 -27.90 -0.38 2.06
C ALA A 396 -28.67 -1.60 1.50
N GLU A 397 -29.26 -1.45 0.33
CA GLU A 397 -30.03 -2.53 -0.29
C GLU A 397 -29.47 -2.98 -1.64
N VAL A 398 -29.56 -4.30 -1.92
CA VAL A 398 -29.13 -4.85 -3.20
C VAL A 398 -30.14 -5.89 -3.71
N TRP A 399 -30.13 -6.11 -5.02
CA TRP A 399 -30.90 -7.18 -5.60
C TRP A 399 -29.93 -8.35 -5.61
N THR A 400 -30.31 -9.45 -4.97
CA THR A 400 -29.51 -10.67 -5.00
C THR A 400 -29.50 -11.30 -6.40
N LYS A 401 -28.60 -12.26 -6.62
CA LYS A 401 -28.54 -13.00 -7.88
C LYS A 401 -29.85 -13.79 -8.14
N TYR A 402 -30.69 -13.97 -7.09
CA TYR A 402 -31.99 -14.63 -7.21
C TYR A 402 -33.15 -13.70 -7.64
N GLY A 403 -32.92 -12.40 -7.64
CA GLY A 403 -33.96 -11.43 -7.97
C GLY A 403 -34.68 -10.90 -6.75
N GLU A 404 -34.14 -11.13 -5.55
CA GLU A 404 -34.74 -10.70 -4.28
C GLU A 404 -34.11 -9.38 -3.80
N LYS A 405 -34.92 -8.42 -3.33
CA LYS A 405 -34.34 -7.18 -2.76
C LYS A 405 -34.02 -7.44 -1.31
N ARG A 406 -32.76 -7.29 -0.92
CA ARG A 406 -32.31 -7.58 0.43
C ARG A 406 -31.37 -6.53 0.98
N VAL A 407 -31.42 -6.35 2.30
CA VAL A 407 -30.55 -5.46 3.05
C VAL A 407 -29.19 -6.15 3.15
N LEU A 408 -28.14 -5.40 2.89
CA LEU A 408 -26.77 -5.84 2.99
C LEU A 408 -26.44 -5.97 4.51
N LYS A 409 -26.19 -7.19 4.99
CA LYS A 409 -25.93 -7.44 6.40
C LYS A 409 -24.96 -8.64 6.49
N PRO A 410 -23.66 -8.40 6.24
CA PRO A 410 -22.72 -9.54 6.11
C PRO A 410 -22.43 -10.29 7.41
N ARG A 411 -22.30 -11.62 7.31
CA ARG A 411 -22.03 -12.51 8.44
C ARG A 411 -20.75 -12.07 9.21
N TRP A 412 -19.71 -11.64 8.47
CA TRP A 412 -18.49 -11.06 9.03
C TRP A 412 -18.41 -9.64 8.51
N MET A 413 -18.22 -8.68 9.42
CA MET A 413 -18.13 -7.26 9.12
C MET A 413 -16.67 -6.73 9.06
N ASP A 414 -16.28 -6.22 7.90
CA ASP A 414 -14.98 -5.63 7.72
C ASP A 414 -15.28 -4.22 7.23
N ALA A 415 -15.03 -3.22 8.08
CA ALA A 415 -15.30 -1.82 7.76
C ALA A 415 -14.66 -1.34 6.47
N ARG A 416 -13.67 -2.08 5.91
CA ARG A 416 -13.05 -1.68 4.66
C ARG A 416 -13.95 -1.90 3.42
N VAL A 417 -14.97 -2.76 3.52
CA VAL A 417 -15.88 -2.97 2.37
C VAL A 417 -16.84 -1.78 2.14
N CYS A 418 -16.90 -0.81 3.08
CA CYS A 418 -17.78 0.34 2.98
C CYS A 418 -17.14 1.60 3.59
N SER A 419 -15.80 1.73 3.52
CA SER A 419 -15.07 2.89 4.08
C SER A 419 -15.34 4.20 3.31
N ASP A 420 -15.76 4.09 2.05
CA ASP A 420 -16.12 5.22 1.19
C ASP A 420 -17.20 4.79 0.15
N HIS A 421 -17.69 5.71 -0.71
CA HIS A 421 -18.73 5.38 -1.70
C HIS A 421 -18.26 4.34 -2.71
N ALA A 422 -17.03 4.51 -3.26
CA ALA A 422 -16.45 3.56 -4.21
C ALA A 422 -16.35 2.16 -3.61
N ALA A 423 -15.86 2.06 -2.34
CA ALA A 423 -15.76 0.78 -1.63
C ALA A 423 -17.14 0.10 -1.46
N LEU A 424 -18.19 0.82 -1.00
CA LEU A 424 -19.52 0.22 -0.82
C LEU A 424 -20.16 -0.22 -2.15
N LYS A 425 -19.95 0.56 -3.24
CA LYS A 425 -20.47 0.27 -4.56
C LYS A 425 -19.90 -1.09 -5.05
N SER A 426 -18.62 -1.33 -4.78
CA SER A 426 -17.95 -2.56 -5.19
C SER A 426 -18.43 -3.76 -4.34
N PHE A 427 -18.67 -3.54 -3.04
CA PHE A 427 -19.15 -4.61 -2.18
C PHE A 427 -20.60 -4.99 -2.52
N LYS A 428 -21.43 -4.01 -2.93
CA LYS A 428 -22.81 -4.25 -3.35
C LYS A 428 -22.82 -5.08 -4.62
N GLU A 429 -21.91 -4.77 -5.57
CA GLU A 429 -21.75 -5.53 -6.81
C GLU A 429 -21.33 -6.98 -6.49
N PHE A 430 -20.43 -7.15 -5.49
CA PHE A 430 -20.02 -8.49 -5.08
C PHE A 430 -21.20 -9.26 -4.47
N ALA A 431 -21.93 -8.64 -3.52
CA ALA A 431 -23.08 -9.26 -2.86
C ALA A 431 -24.18 -9.65 -3.86
N ALA A 432 -24.28 -8.92 -4.98
CA ALA A 432 -25.26 -9.19 -6.03
C ALA A 432 -24.87 -10.34 -6.96
N GLY A 433 -23.65 -10.85 -6.86
CA GLY A 433 -23.12 -11.88 -7.75
C GLY A 433 -22.64 -11.31 -9.08
N LYS A 434 -22.32 -10.01 -9.13
CA LYS A 434 -21.89 -9.37 -10.37
C LYS A 434 -20.39 -9.60 -10.74
N ARG A 435 -19.61 -10.22 -9.83
CA ARG A 435 -18.25 -10.66 -10.15
C ARG A 435 -17.82 -11.88 -9.34
C1 EDO B . -1.16 0.18 -5.35
O1 EDO B . -1.59 -0.46 -4.17
C2 EDO B . -2.35 0.84 -6.03
O2 EDO B . -2.37 2.23 -5.73
P PO4 C . 15.43 8.02 -3.82
O1 PO4 C . 14.77 6.78 -4.42
O2 PO4 C . 16.71 7.59 -3.09
O3 PO4 C . 14.47 8.68 -2.81
O4 PO4 C . 15.78 9.04 -4.92
P PO4 D . -7.07 1.39 4.22
O1 PO4 D . -7.04 -0.08 3.91
O2 PO4 D . -8.49 1.83 4.59
O3 PO4 D . -6.11 1.70 5.40
O4 PO4 D . -6.60 2.18 2.98
N1 ZUZ E . -4.79 -7.57 -0.95
C4 ZUZ E . -3.74 -8.33 -1.31
C5 ZUZ E . -3.99 -9.38 -2.38
C6 ZUZ E . -3.33 -9.05 -3.73
C7 ZUZ E . -3.68 -10.07 -4.82
C8 ZUZ E . -3.80 -11.50 -4.30
C10 ZUZ E . -3.55 -10.76 -1.88
C1 ZUZ E . -4.56 -3.16 1.00
O1 ZUZ E . -4.66 -4.61 1.13
C2 ZUZ E . -4.75 -5.30 -0.01
O2 ZUZ E . -4.76 -4.82 -1.11
C3 ZUZ E . -4.78 -6.78 0.27
O3 ZUZ E . -2.65 -8.22 -0.77
C9 ZUZ E . -3.06 -11.70 -2.99
#